data_4HRM
#
_entry.id   4HRM
#
_cell.length_a   138.500
_cell.length_b   60.700
_cell.length_c   107.200
_cell.angle_alpha   90.000
_cell.angle_beta   118.900
_cell.angle_gamma   90.000
#
_symmetry.space_group_name_H-M   'C 1 2 1'
#
loop_
_entity.id
_entity.type
_entity.pdbx_description
1 polymer 'Domain I of receptor tyrosine-protein kinase erbB-2'
2 polymer 'Designed Ankyrin Repeat Protein 9_26'
#
loop_
_entity_poly.entity_id
_entity_poly.type
_entity_poly.pdbx_seq_one_letter_code
_entity_poly.pdbx_strand_id
1 'polypeptide(L)'
;HQVCTGTDMKLRLPASPETHLDMLRHLYQGCQVVQGNLELTYLPTDASLSFLQDIQEVQGYVLIAHNQVRQVPLQRLRIV
RGTQLFEDNYALAVLDNGDPLDNTTPVTGASPGGLRELQLRSLTEILKGGVLIQRNPQLCYQDTILWKDIFHKNNQLALT
LIDTDRSRACHPCSPMCKGSRCWGESSEDCQSLTRTVA
;
C,A
2 'polypeptide(L)'
;MRGSHHHHHHGSDLGKKLLEAARAGQDDEVRILMANGADVNAKDFYGITPLHLAAAYGHLEIVEVLLKHGADVNAHDWNG
WTPLHLAAKYGHLEIVEVLLKHGADVNAIDNAGKTPLHLAAAHGHLEIVEVLLKYGADVNAQDKFGKTPFDLAIDNGNED
IAEVLQKAAKLN
;
B,D
#
# COMPACT_ATOMS: atom_id res chain seq x y z
N GLN A 2 -14.97 -13.64 23.02
CA GLN A 2 -16.33 -13.56 22.50
C GLN A 2 -16.56 -12.24 21.77
N VAL A 3 -15.91 -11.18 22.24
CA VAL A 3 -16.08 -9.86 21.64
C VAL A 3 -14.77 -9.33 21.02
N CYS A 4 -14.90 -8.59 19.92
CA CYS A 4 -13.76 -7.96 19.28
C CYS A 4 -14.24 -6.95 18.23
N GLY A 6 -13.12 -3.47 16.02
CA GLY A 6 -12.32 -4.15 15.02
C GLY A 6 -11.53 -3.20 14.16
N THR A 7 -11.86 -3.15 12.87
CA THR A 7 -11.18 -2.29 11.91
C THR A 7 -12.08 -1.14 11.47
N ASP A 8 -11.51 0.03 11.26
CA ASP A 8 -12.27 1.15 10.69
C ASP A 8 -11.43 1.89 9.65
N MET A 9 -10.52 1.15 9.00
CA MET A 9 -9.58 1.74 8.07
C MET A 9 -10.16 1.90 6.66
N LYS A 10 -11.30 1.25 6.41
CA LYS A 10 -11.92 1.26 5.07
C LYS A 10 -10.98 0.70 4.00
N LEU A 11 -10.94 1.36 2.85
CA LEU A 11 -10.10 0.90 1.74
C LEU A 11 -8.65 1.35 1.87
N ARG A 12 -8.23 1.70 3.08
CA ARG A 12 -6.86 2.13 3.29
C ARG A 12 -5.89 0.99 3.04
N LEU A 13 -4.97 1.21 2.10
CA LEU A 13 -3.92 0.25 1.83
C LEU A 13 -3.11 0.03 3.11
N PRO A 14 -2.84 -1.23 3.45
CA PRO A 14 -2.17 -1.54 4.71
C PRO A 14 -0.75 -0.99 4.75
N ALA A 15 -0.39 -0.31 5.84
CA ALA A 15 0.95 0.24 5.99
C ALA A 15 1.95 -0.86 6.30
N SER A 16 1.56 -1.78 7.18
CA SER A 16 2.43 -2.85 7.63
C SER A 16 2.67 -3.89 6.54
N PRO A 17 1.59 -4.31 5.88
CA PRO A 17 1.63 -5.26 4.78
C PRO A 17 2.24 -6.62 5.14
N GLU A 18 3.52 -6.62 5.48
CA GLU A 18 4.27 -7.85 5.74
C GLU A 18 3.80 -8.61 6.99
N THR A 19 3.11 -7.90 7.89
CA THR A 19 2.56 -8.51 9.11
C THR A 19 1.07 -8.18 9.24
N HIS A 20 0.29 -8.55 8.22
CA HIS A 20 -1.11 -8.16 8.11
C HIS A 20 -2.02 -9.27 8.61
N LEU A 21 -1.78 -10.46 8.05
CA LEU A 21 -2.51 -11.66 8.40
C LEU A 21 -2.37 -11.99 9.88
N ASP A 22 -1.22 -11.64 10.47
CA ASP A 22 -1.00 -11.88 11.90
C ASP A 22 -1.89 -10.98 12.75
N MET A 23 -1.92 -9.70 12.40
CA MET A 23 -2.76 -8.73 13.09
C MET A 23 -4.22 -9.16 13.03
N LEU A 24 -4.71 -9.41 11.82
CA LEU A 24 -6.09 -9.86 11.63
C LEU A 24 -6.37 -11.15 12.40
N ARG A 25 -5.39 -12.06 12.39
CA ARG A 25 -5.49 -13.36 13.05
C ARG A 25 -5.70 -13.22 14.55
N HIS A 26 -4.71 -12.63 15.23
CA HIS A 26 -4.78 -12.42 16.66
C HIS A 26 -5.97 -11.54 17.04
N LEU A 27 -6.45 -10.76 16.07
CA LEU A 27 -7.61 -9.90 16.28
C LEU A 27 -8.93 -10.69 16.35
N TYR A 28 -9.15 -11.58 15.38
CA TYR A 28 -10.48 -12.19 15.23
C TYR A 28 -10.67 -13.63 15.70
N GLN A 29 -9.62 -14.27 16.22
CA GLN A 29 -9.73 -15.67 16.61
C GLN A 29 -10.62 -15.84 17.86
N GLY A 30 -11.49 -16.84 17.84
CA GLY A 30 -12.40 -17.11 18.95
C GLY A 30 -13.51 -16.07 19.06
N CYS A 31 -13.44 -15.03 18.26
CA CYS A 31 -14.40 -13.94 18.30
C CYS A 31 -15.78 -14.41 17.86
N GLN A 32 -16.79 -14.07 18.64
CA GLN A 32 -18.15 -14.48 18.33
C GLN A 32 -19.00 -13.25 18.00
N VAL A 33 -18.68 -12.13 18.63
CA VAL A 33 -19.33 -10.87 18.33
C VAL A 33 -18.30 -9.80 17.97
N VAL A 34 -18.30 -9.38 16.72
CA VAL A 34 -17.40 -8.32 16.27
C VAL A 34 -18.00 -6.95 16.60
N GLN A 35 -17.46 -6.29 17.62
CA GLN A 35 -17.97 -5.00 18.07
C GLN A 35 -17.49 -3.85 17.20
N GLY A 36 -17.92 -3.84 15.95
CA GLY A 36 -17.53 -2.80 15.03
C GLY A 36 -17.60 -3.29 13.60
N ASN A 37 -16.57 -3.00 12.82
CA ASN A 37 -16.56 -3.38 11.42
C ASN A 37 -15.66 -4.57 11.12
N LEU A 38 -16.09 -5.41 10.19
CA LEU A 38 -15.29 -6.53 9.72
C LEU A 38 -14.79 -6.23 8.31
N GLU A 39 -13.54 -5.80 8.21
CA GLU A 39 -12.96 -5.46 6.91
C GLU A 39 -11.85 -6.42 6.51
N LEU A 40 -12.00 -7.04 5.34
CA LEU A 40 -11.02 -7.98 4.82
C LEU A 40 -10.47 -7.41 3.52
N THR A 41 -9.20 -7.00 3.53
CA THR A 41 -8.65 -6.30 2.38
C THR A 41 -7.16 -6.56 2.12
N TYR A 42 -6.82 -6.53 0.84
CA TYR A 42 -5.42 -6.62 0.39
C TYR A 42 -4.70 -7.88 0.86
N LEU A 43 -5.33 -9.03 0.65
CA LEU A 43 -4.77 -10.31 1.05
C LEU A 43 -4.51 -11.20 -0.17
N PRO A 44 -3.36 -11.89 -0.19
CA PRO A 44 -2.94 -12.71 -1.34
C PRO A 44 -3.71 -14.01 -1.47
N THR A 45 -3.28 -14.86 -2.41
CA THR A 45 -3.94 -16.12 -2.72
C THR A 45 -3.75 -17.19 -1.65
N ASP A 46 -2.69 -17.07 -0.86
CA ASP A 46 -2.31 -18.12 0.09
C ASP A 46 -2.84 -17.93 1.51
N ALA A 47 -3.48 -16.78 1.75
CA ALA A 47 -4.00 -16.45 3.09
C ALA A 47 -4.98 -17.51 3.60
N SER A 48 -5.06 -17.64 4.92
CA SER A 48 -5.79 -18.75 5.55
C SER A 48 -7.25 -18.41 5.92
N LEU A 49 -7.43 -17.31 6.66
CA LEU A 49 -8.75 -16.81 7.04
C LEU A 49 -9.61 -17.77 7.89
N SER A 50 -9.00 -18.85 8.38
CA SER A 50 -9.73 -19.85 9.15
C SER A 50 -10.34 -19.28 10.43
N PHE A 51 -9.60 -18.34 11.03
CA PHE A 51 -10.02 -17.67 12.26
C PHE A 51 -11.41 -17.00 12.20
N LEU A 52 -11.95 -16.89 10.98
CA LEU A 52 -13.25 -16.26 10.78
C LEU A 52 -14.41 -17.21 11.05
N GLN A 53 -14.11 -18.50 11.19
CA GLN A 53 -15.14 -19.51 11.39
C GLN A 53 -15.82 -19.42 12.75
N ASP A 54 -15.33 -18.51 13.60
CA ASP A 54 -15.91 -18.32 14.93
C ASP A 54 -16.86 -17.13 14.96
N ILE A 55 -16.65 -16.18 14.06
CA ILE A 55 -17.47 -14.97 14.00
C ILE A 55 -18.91 -15.27 13.61
N GLN A 56 -19.85 -14.86 14.46
CA GLN A 56 -21.26 -15.11 14.21
C GLN A 56 -22.14 -13.87 14.36
N GLU A 57 -21.51 -12.70 14.40
CA GLU A 57 -22.23 -11.43 14.55
C GLU A 57 -21.35 -10.21 14.37
N VAL A 58 -21.63 -9.42 13.34
CA VAL A 58 -20.95 -8.14 13.14
C VAL A 58 -21.92 -7.00 13.41
N GLN A 59 -21.48 -6.02 14.19
CA GLN A 59 -22.37 -4.96 14.64
C GLN A 59 -22.35 -3.72 13.75
N GLY A 60 -21.27 -3.53 13.00
CA GLY A 60 -21.16 -2.41 12.10
C GLY A 60 -21.49 -2.81 10.67
N TYR A 61 -20.49 -2.71 9.79
CA TYR A 61 -20.64 -3.15 8.40
C TYR A 61 -19.66 -4.28 8.10
N VAL A 62 -19.81 -4.85 6.91
CA VAL A 62 -18.87 -5.87 6.45
C VAL A 62 -18.17 -5.37 5.19
N LEU A 63 -16.91 -5.74 5.01
CA LEU A 63 -16.14 -5.27 3.87
C LEU A 63 -15.10 -6.29 3.41
N ILE A 64 -15.27 -6.77 2.18
CA ILE A 64 -14.31 -7.69 1.58
C ILE A 64 -13.87 -7.14 0.22
N ALA A 65 -12.73 -6.46 0.21
CA ALA A 65 -12.24 -5.83 -1.00
C ALA A 65 -10.79 -6.21 -1.30
N HIS A 66 -10.43 -6.17 -2.58
CA HIS A 66 -9.07 -6.48 -3.05
C HIS A 66 -8.50 -7.76 -2.45
N ASN A 67 -9.14 -8.89 -2.73
CA ASN A 67 -8.66 -10.17 -2.23
C ASN A 67 -8.50 -11.19 -3.34
N GLN A 68 -7.36 -11.88 -3.33
CA GLN A 68 -7.11 -12.95 -4.28
C GLN A 68 -7.50 -14.29 -3.65
N VAL A 69 -7.96 -14.24 -2.41
CA VAL A 69 -8.51 -15.42 -1.73
C VAL A 69 -9.80 -15.81 -2.43
N ARG A 70 -10.29 -17.00 -2.11
CA ARG A 70 -11.45 -17.55 -2.80
C ARG A 70 -12.63 -17.78 -1.87
N GLN A 71 -12.33 -18.28 -0.68
CA GLN A 71 -13.36 -18.58 0.31
C GLN A 71 -13.24 -17.68 1.54
N VAL A 72 -14.38 -17.17 2.00
CA VAL A 72 -14.42 -16.43 3.26
C VAL A 72 -15.35 -17.12 4.25
N PRO A 73 -14.78 -18.05 5.03
CA PRO A 73 -15.50 -18.86 6.04
C PRO A 73 -16.26 -18.04 7.08
N LEU A 74 -17.22 -17.23 6.62
CA LEU A 74 -18.14 -16.53 7.50
C LEU A 74 -19.42 -17.34 7.62
N GLN A 75 -19.27 -18.64 7.83
CA GLN A 75 -20.39 -19.58 7.83
C GLN A 75 -21.18 -19.55 9.13
N ARG A 76 -20.66 -18.84 10.13
CA ARG A 76 -21.34 -18.73 11.42
C ARG A 76 -22.07 -17.40 11.53
N LEU A 77 -21.67 -16.43 10.71
CA LEU A 77 -22.26 -15.09 10.71
C LEU A 77 -23.76 -15.13 10.48
N ARG A 78 -24.52 -14.99 11.56
CA ARG A 78 -25.96 -15.08 11.50
C ARG A 78 -26.61 -13.71 11.27
N ILE A 79 -26.12 -12.70 11.98
CA ILE A 79 -26.72 -11.38 11.91
C ILE A 79 -25.68 -10.27 11.76
N VAL A 80 -25.98 -9.30 10.90
CA VAL A 80 -25.21 -8.07 10.83
C VAL A 80 -26.11 -6.90 11.23
N ARG A 81 -25.78 -6.29 12.37
CA ARG A 81 -26.62 -5.25 12.94
C ARG A 81 -26.89 -4.12 11.96
N GLY A 82 -25.82 -3.51 11.48
CA GLY A 82 -25.95 -2.46 10.47
C GLY A 82 -26.05 -1.06 11.05
N THR A 83 -25.16 -0.74 11.98
CA THR A 83 -25.01 0.65 12.40
C THR A 83 -24.11 1.37 11.41
N GLN A 84 -22.81 1.44 11.71
CA GLN A 84 -21.83 2.04 10.81
C GLN A 84 -21.96 1.48 9.40
N LEU A 85 -22.59 2.25 8.51
CA LEU A 85 -22.88 1.81 7.15
C LEU A 85 -21.78 2.26 6.17
N PHE A 86 -21.30 1.33 5.34
CA PHE A 86 -20.29 1.69 4.34
C PHE A 86 -20.92 2.52 3.22
N GLU A 87 -20.28 3.64 2.91
CA GLU A 87 -20.82 4.61 1.93
C GLU A 87 -22.22 5.06 2.33
N ASP A 88 -22.47 5.08 3.63
CA ASP A 88 -23.69 5.59 4.24
C ASP A 88 -24.97 4.78 4.00
N ASN A 89 -24.88 3.69 3.24
CA ASN A 89 -26.04 2.82 3.05
C ASN A 89 -25.76 1.36 2.65
N TYR A 90 -24.57 0.85 2.99
CA TYR A 90 -24.24 -0.53 2.67
C TYR A 90 -23.74 -1.34 3.86
N ALA A 91 -24.62 -2.19 4.39
CA ALA A 91 -24.30 -3.03 5.54
C ALA A 91 -23.33 -4.15 5.15
N LEU A 92 -23.15 -4.35 3.86
CA LEU A 92 -22.23 -5.36 3.34
C LEU A 92 -21.71 -4.98 1.97
N ALA A 93 -20.39 -4.90 1.85
CA ALA A 93 -19.75 -4.52 0.59
C ALA A 93 -18.62 -5.48 0.22
N VAL A 94 -18.67 -5.98 -1.02
CA VAL A 94 -17.64 -6.89 -1.51
C VAL A 94 -17.18 -6.43 -2.89
N LEU A 95 -15.95 -5.95 -2.99
CA LEU A 95 -15.46 -5.34 -4.22
C LEU A 95 -14.12 -5.90 -4.70
N ASP A 96 -13.88 -5.79 -5.99
CA ASP A 96 -12.55 -5.99 -6.59
C ASP A 96 -11.80 -7.26 -6.19
N ASN A 97 -12.52 -8.35 -6.00
CA ASN A 97 -11.88 -9.61 -5.62
C ASN A 97 -11.50 -10.45 -6.83
N GLY A 98 -10.44 -10.06 -7.51
CA GLY A 98 -9.96 -10.76 -8.68
C GLY A 98 -9.23 -9.86 -9.65
N GLY A 113 -6.26 -16.20 -8.83
CA GLY A 113 -7.19 -16.31 -7.73
C GLY A 113 -8.33 -15.32 -7.81
N GLY A 114 -9.12 -15.24 -6.75
CA GLY A 114 -10.27 -14.35 -6.72
C GLY A 114 -11.43 -15.00 -5.98
N LEU A 115 -12.20 -14.18 -5.26
CA LEU A 115 -13.32 -14.68 -4.47
C LEU A 115 -14.28 -15.47 -5.32
N ARG A 116 -14.53 -16.72 -4.93
CA ARG A 116 -15.41 -17.60 -5.70
C ARG A 116 -16.74 -17.80 -4.98
N GLU A 117 -16.74 -17.67 -3.66
CA GLU A 117 -17.94 -17.86 -2.87
C GLU A 117 -17.86 -17.14 -1.53
N LEU A 118 -18.97 -16.54 -1.12
CA LEU A 118 -19.05 -15.88 0.18
C LEU A 118 -19.92 -16.72 1.10
N GLN A 119 -19.40 -17.88 1.49
CA GLN A 119 -20.13 -18.86 2.31
C GLN A 119 -20.74 -18.26 3.56
N LEU A 120 -21.94 -17.71 3.40
CA LEU A 120 -22.67 -17.12 4.52
C LEU A 120 -24.04 -17.79 4.67
N ARG A 121 -24.02 -19.09 4.87
CA ARG A 121 -25.24 -19.88 4.98
C ARG A 121 -26.05 -19.53 6.22
N SER A 122 -25.40 -18.91 7.20
CA SER A 122 -26.06 -18.57 8.46
C SER A 122 -26.66 -17.17 8.47
N LEU A 123 -26.34 -16.37 7.45
CA LEU A 123 -26.85 -15.00 7.38
C LEU A 123 -28.35 -14.96 7.08
N THR A 124 -29.13 -14.48 8.04
CA THR A 124 -30.57 -14.36 7.85
C THR A 124 -31.16 -13.07 8.44
N GLU A 125 -30.32 -12.09 8.73
CA GLU A 125 -30.81 -10.83 9.30
C GLU A 125 -29.91 -9.63 9.04
N ILE A 126 -30.45 -8.65 8.31
CA ILE A 126 -29.80 -7.35 8.14
C ILE A 126 -30.77 -6.25 8.54
N LEU A 127 -30.48 -5.60 9.67
CA LEU A 127 -31.39 -4.62 10.26
C LEU A 127 -31.42 -3.31 9.47
N LYS A 128 -30.23 -2.78 9.18
CA LYS A 128 -30.13 -1.52 8.46
C LYS A 128 -28.95 -1.53 7.50
N GLY A 129 -29.17 -1.05 6.28
CA GLY A 129 -28.12 -1.00 5.28
C GLY A 129 -28.45 -1.81 4.05
N GLY A 130 -27.84 -1.44 2.92
CA GLY A 130 -28.05 -2.14 1.67
C GLY A 130 -26.93 -3.09 1.32
N VAL A 131 -26.95 -3.64 0.12
CA VAL A 131 -25.94 -4.60 -0.32
C VAL A 131 -25.21 -4.10 -1.56
N LEU A 132 -23.91 -4.33 -1.61
CA LEU A 132 -23.09 -3.86 -2.73
C LEU A 132 -22.06 -4.91 -3.15
N ILE A 133 -22.31 -5.57 -4.28
CA ILE A 133 -21.39 -6.56 -4.82
C ILE A 133 -20.93 -6.16 -6.22
N GLN A 134 -19.67 -5.74 -6.34
CA GLN A 134 -19.16 -5.25 -7.62
C GLN A 134 -17.73 -5.71 -7.92
N ARG A 135 -17.43 -5.84 -9.20
CA ARG A 135 -16.09 -6.18 -9.69
C ARG A 135 -15.54 -7.49 -9.15
N ASN A 136 -16.36 -8.53 -9.19
CA ASN A 136 -15.94 -9.87 -8.78
C ASN A 136 -16.06 -10.87 -9.92
N PRO A 137 -14.97 -11.04 -10.69
CA PRO A 137 -14.96 -11.89 -11.88
C PRO A 137 -14.85 -13.38 -11.59
N GLN A 138 -15.09 -13.78 -10.34
CA GLN A 138 -14.98 -15.19 -9.97
C GLN A 138 -16.06 -15.58 -8.97
N LEU A 139 -16.73 -14.58 -8.39
CA LEU A 139 -17.78 -14.84 -7.41
C LEU A 139 -19.00 -15.47 -8.08
N CYS A 140 -19.65 -16.38 -7.37
CA CYS A 140 -20.82 -17.08 -7.92
C CYS A 140 -21.96 -17.15 -6.90
N TYR A 141 -23.17 -17.41 -7.41
CA TYR A 141 -24.36 -17.60 -6.59
C TYR A 141 -24.75 -16.42 -5.70
N GLN A 142 -24.19 -15.24 -5.98
CA GLN A 142 -24.50 -14.05 -5.19
C GLN A 142 -25.82 -13.45 -5.66
N ASP A 143 -26.33 -13.98 -6.76
CA ASP A 143 -27.56 -13.49 -7.36
C ASP A 143 -28.65 -14.56 -7.26
N THR A 144 -28.39 -15.58 -6.44
CA THR A 144 -29.33 -16.66 -6.20
C THR A 144 -30.11 -16.44 -4.92
N ILE A 145 -29.53 -15.65 -4.01
CA ILE A 145 -30.14 -15.37 -2.71
C ILE A 145 -31.14 -14.22 -2.78
N LEU A 146 -32.24 -14.37 -2.06
CA LEU A 146 -33.24 -13.31 -1.97
C LEU A 146 -32.94 -12.42 -0.78
N TRP A 147 -32.27 -11.30 -1.04
CA TRP A 147 -31.85 -10.37 0.01
C TRP A 147 -33.04 -9.69 0.70
N LYS A 148 -34.19 -9.73 0.05
CA LYS A 148 -35.41 -9.12 0.60
C LYS A 148 -35.96 -9.95 1.75
N ASP A 149 -35.62 -11.23 1.77
CA ASP A 149 -36.02 -12.11 2.88
C ASP A 149 -35.11 -11.89 4.09
N ILE A 150 -33.86 -11.54 3.82
CA ILE A 150 -32.89 -11.25 4.87
C ILE A 150 -33.15 -9.86 5.45
N PHE A 151 -33.43 -8.91 4.56
CA PHE A 151 -33.78 -7.55 4.94
C PHE A 151 -34.87 -7.55 5.99
N HIS A 152 -34.67 -6.76 7.04
CA HIS A 152 -35.67 -6.64 8.10
C HIS A 152 -36.96 -6.05 7.55
N LYS A 153 -38.03 -6.15 8.33
CA LYS A 153 -39.32 -5.62 7.92
C LYS A 153 -39.26 -4.12 7.70
N ASN A 154 -38.34 -3.45 8.40
CA ASN A 154 -38.19 -2.00 8.29
C ASN A 154 -37.03 -1.61 7.38
N ASN A 155 -36.28 -2.61 6.91
CA ASN A 155 -35.17 -2.35 6.00
C ASN A 155 -35.57 -2.66 4.55
N GLN A 156 -36.79 -2.27 4.19
CA GLN A 156 -37.37 -2.62 2.90
C GLN A 156 -36.75 -1.85 1.73
N LEU A 157 -36.41 -0.58 1.95
CA LEU A 157 -35.94 0.28 0.87
C LEU A 157 -34.43 0.32 0.75
N ALA A 158 -33.75 -0.67 1.34
CA ALA A 158 -32.30 -0.77 1.24
C ALA A 158 -31.86 -0.99 -0.19
N LEU A 159 -30.71 -0.43 -0.55
CA LEU A 159 -30.20 -0.54 -1.92
C LEU A 159 -29.52 -1.88 -2.19
N THR A 160 -29.96 -2.56 -3.24
CA THR A 160 -29.31 -3.79 -3.69
C THR A 160 -28.76 -3.59 -5.10
N LEU A 161 -27.44 -3.57 -5.21
CA LEU A 161 -26.78 -3.38 -6.51
C LEU A 161 -25.74 -4.47 -6.74
N ILE A 162 -26.06 -5.41 -7.63
CA ILE A 162 -25.17 -6.54 -7.90
C ILE A 162 -24.65 -6.49 -9.34
N ASP A 165 -21.52 -10.69 -13.40
CA ASP A 165 -20.54 -10.52 -14.46
C ASP A 165 -19.28 -11.35 -14.18
N CYS A 170 -20.23 -21.11 -13.39
CA CYS A 170 -20.76 -21.44 -12.06
C CYS A 170 -21.87 -22.48 -12.15
N HIS A 171 -21.68 -23.59 -11.44
CA HIS A 171 -22.65 -24.67 -11.41
C HIS A 171 -23.89 -24.25 -10.62
N PRO A 172 -25.07 -24.79 -10.99
CA PRO A 172 -26.30 -24.47 -10.27
C PRO A 172 -26.24 -24.97 -8.83
N CYS A 173 -27.01 -24.34 -7.94
CA CYS A 173 -27.04 -24.76 -6.55
C CYS A 173 -27.73 -26.10 -6.37
N SER A 174 -27.54 -26.71 -5.20
CA SER A 174 -28.04 -28.05 -4.91
C SER A 174 -29.55 -28.18 -5.12
N PRO A 175 -29.99 -29.33 -5.65
CA PRO A 175 -31.41 -29.63 -5.84
C PRO A 175 -32.17 -29.63 -4.51
N MET A 176 -31.47 -29.97 -3.43
CA MET A 176 -32.10 -30.08 -2.11
C MET A 176 -32.41 -28.72 -1.49
N CYS A 177 -31.96 -27.65 -2.14
CA CYS A 177 -32.20 -26.30 -1.64
C CYS A 177 -33.69 -25.96 -1.67
N SER A 180 -34.84 -22.60 -4.88
CA SER A 180 -33.46 -23.06 -4.96
C SER A 180 -32.48 -21.90 -4.82
N ARG A 181 -32.60 -21.16 -3.72
CA ARG A 181 -31.69 -20.06 -3.42
C ARG A 181 -30.46 -20.59 -2.70
N CYS A 182 -29.28 -20.17 -3.15
CA CYS A 182 -28.04 -20.78 -2.68
C CYS A 182 -26.88 -19.82 -2.49
N TRP A 183 -26.00 -20.14 -1.55
CA TRP A 183 -24.81 -19.36 -1.29
C TRP A 183 -23.57 -20.13 -1.74
N GLY A 184 -23.68 -21.47 -1.75
CA GLY A 184 -22.55 -22.31 -2.11
C GLY A 184 -22.86 -23.32 -3.21
N GLU A 185 -22.47 -24.57 -2.98
CA GLU A 185 -22.64 -25.62 -3.99
C GLU A 185 -23.14 -26.93 -3.38
N SER A 186 -22.86 -27.14 -2.11
CA SER A 186 -23.33 -28.34 -1.41
C SER A 186 -24.80 -28.19 -1.05
N SER A 187 -25.34 -29.18 -0.33
CA SER A 187 -26.73 -29.14 0.10
C SER A 187 -26.93 -28.17 1.25
N ASP A 189 -24.96 -25.15 2.48
CA ASP A 189 -24.65 -24.09 1.51
C ASP A 189 -25.93 -23.48 0.93
N CYS A 190 -27.07 -24.01 1.35
CA CYS A 190 -28.36 -23.46 0.95
C CYS A 190 -28.79 -22.33 1.89
N GLN A 191 -29.77 -21.54 1.45
CA GLN A 191 -30.31 -20.47 2.27
C GLN A 191 -31.40 -20.99 3.18
N GLY B 6 14.36 -3.77 -13.60
CA GLY B 6 14.33 -3.24 -12.25
C GLY B 6 13.25 -2.18 -12.06
N THR B 7 13.20 -1.59 -10.87
CA THR B 7 12.24 -0.53 -10.55
C THR B 7 12.92 0.74 -10.05
N ASP B 8 12.12 1.67 -9.56
CA ASP B 8 12.64 2.94 -9.07
C ASP B 8 11.63 3.62 -8.14
N MET B 9 10.72 2.83 -7.59
CA MET B 9 9.70 3.36 -6.69
C MET B 9 10.22 3.46 -5.25
N LYS B 10 11.49 3.12 -5.07
CA LYS B 10 12.14 3.15 -3.76
C LYS B 10 11.38 2.30 -2.73
N LEU B 11 10.99 2.94 -1.63
CA LEU B 11 10.24 2.25 -0.58
C LEU B 11 8.77 2.64 -0.60
N ARG B 12 8.14 2.52 -1.77
CA ARG B 12 6.74 2.87 -1.94
C ARG B 12 5.84 1.64 -1.97
N LEU B 13 4.73 1.71 -1.25
CA LEU B 13 3.78 0.61 -1.13
C LEU B 13 3.09 0.33 -2.46
N PRO B 14 2.73 -0.95 -2.70
CA PRO B 14 1.91 -1.31 -3.86
C PRO B 14 0.43 -1.03 -3.56
N SER B 16 -1.42 -2.91 -5.14
CA SER B 16 -1.78 -4.32 -5.27
C SER B 16 -0.85 -5.24 -4.48
N PRO B 17 -1.01 -5.27 -3.15
CA PRO B 17 -0.24 -6.16 -2.28
C PRO B 17 -0.52 -7.63 -2.60
N GLU B 18 -1.78 -7.94 -2.88
CA GLU B 18 -2.21 -9.31 -3.15
C GLU B 18 -1.60 -9.89 -4.42
N THR B 19 -0.75 -9.10 -5.08
CA THR B 19 -0.08 -9.54 -6.29
C THR B 19 1.41 -9.19 -6.25
N HIS B 20 1.84 -8.59 -5.14
CA HIS B 20 3.24 -8.19 -4.97
C HIS B 20 4.18 -9.33 -5.35
N LEU B 21 4.18 -10.37 -4.53
CA LEU B 21 4.98 -11.58 -4.78
C LEU B 21 4.77 -12.11 -6.19
N ASP B 22 3.56 -11.98 -6.71
CA ASP B 22 3.28 -12.39 -8.08
C ASP B 22 4.07 -11.53 -9.05
N MET B 23 3.87 -10.21 -8.96
CA MET B 23 4.51 -9.28 -9.88
C MET B 23 6.00 -9.55 -9.94
N LEU B 24 6.64 -9.40 -8.79
CA LEU B 24 8.06 -9.73 -8.60
C LEU B 24 8.45 -11.01 -9.32
N ARG B 25 7.70 -12.09 -9.07
CA ARG B 25 7.97 -13.37 -9.71
C ARG B 25 8.00 -13.16 -11.21
N HIS B 26 6.85 -12.78 -11.76
CA HIS B 26 6.70 -12.59 -13.20
C HIS B 26 7.75 -11.64 -13.75
N LEU B 27 8.33 -10.84 -12.88
CA LEU B 27 9.32 -9.87 -13.29
C LEU B 27 10.71 -10.48 -13.30
N TYR B 28 11.10 -11.12 -12.19
CA TYR B 28 12.52 -11.42 -12.00
C TYR B 28 12.88 -12.89 -12.04
N GLN B 29 11.95 -13.73 -12.49
CA GLN B 29 12.21 -15.16 -12.54
C GLN B 29 12.77 -15.60 -13.89
N GLY B 30 14.02 -16.06 -13.88
CA GLY B 30 14.65 -16.59 -15.07
C GLY B 30 15.51 -15.59 -15.83
N CYS B 31 15.94 -14.55 -15.14
CA CYS B 31 16.79 -13.52 -15.77
C CYS B 31 18.16 -13.47 -15.09
N GLN B 32 19.08 -12.71 -15.69
CA GLN B 32 20.42 -12.58 -15.14
C GLN B 32 20.79 -11.12 -14.87
N VAL B 34 20.03 -7.47 -13.99
CA VAL B 34 19.03 -6.42 -13.89
C VAL B 34 19.63 -5.05 -14.19
N GLY B 36 19.41 -1.86 -13.95
CA GLY B 36 18.21 -1.73 -13.16
C GLY B 36 18.47 -1.92 -11.69
N ASN B 37 17.54 -1.43 -10.87
CA ASN B 37 17.68 -1.52 -9.41
C ASN B 37 16.93 -2.71 -8.84
N LEU B 38 17.50 -3.32 -7.80
CA LEU B 38 16.89 -4.47 -7.15
C LEU B 38 16.16 -4.06 -5.89
N GLU B 39 14.85 -3.83 -6.01
CA GLU B 39 14.03 -3.45 -4.87
C GLU B 39 13.03 -4.55 -4.52
N LEU B 40 13.02 -4.94 -3.25
CA LEU B 40 12.09 -5.95 -2.74
C LEU B 40 11.78 -5.66 -1.27
N THR B 41 10.58 -5.11 -1.02
CA THR B 41 10.19 -4.72 0.34
C THR B 41 8.79 -5.20 0.72
N TYR B 42 8.39 -4.87 1.94
CA TYR B 42 7.03 -5.08 2.45
C TYR B 42 6.51 -6.51 2.25
N LEU B 43 7.44 -7.45 2.12
CA LEU B 43 7.11 -8.86 1.94
C LEU B 43 7.24 -9.60 3.27
N PRO B 44 6.21 -10.38 3.62
CA PRO B 44 6.25 -11.18 4.85
C PRO B 44 7.33 -12.26 4.79
N ALA B 47 6.64 -16.87 2.13
CA ALA B 47 6.97 -16.23 0.87
C ALA B 47 8.22 -16.85 0.24
N SER B 48 8.05 -17.37 -0.98
CA SER B 48 9.16 -17.98 -1.69
C SER B 48 9.77 -17.01 -2.70
N LEU B 49 11.07 -16.77 -2.59
CA LEU B 49 11.76 -15.84 -3.47
C LEU B 49 12.77 -16.57 -4.34
N SER B 50 12.40 -17.76 -4.81
CA SER B 50 13.32 -18.61 -5.55
C SER B 50 13.49 -18.21 -7.01
N PHE B 51 13.27 -16.93 -7.32
CA PHE B 51 13.36 -16.45 -8.68
C PHE B 51 14.80 -16.12 -9.06
N GLN B 53 17.36 -16.19 -7.27
CA GLN B 53 18.30 -17.30 -7.42
C GLN B 53 18.90 -17.33 -8.83
N ASP B 54 18.42 -16.44 -9.70
CA ASP B 54 18.90 -16.39 -11.07
C ASP B 54 19.71 -15.14 -11.34
N ILE B 55 19.63 -14.17 -10.43
CA ILE B 55 20.35 -12.92 -10.58
C ILE B 55 21.86 -13.13 -10.52
N GLN B 56 22.58 -12.54 -11.47
CA GLN B 56 24.03 -12.67 -11.54
C GLN B 56 24.69 -11.30 -11.44
N GLU B 57 24.10 -10.31 -12.11
CA GLU B 57 24.62 -8.94 -12.10
C GLU B 57 23.48 -7.93 -11.97
N VAL B 58 23.67 -6.94 -11.10
CA VAL B 58 22.72 -5.85 -10.94
C VAL B 58 23.38 -4.51 -11.21
N GLN B 59 22.91 -3.82 -12.25
CA GLN B 59 23.48 -2.55 -12.66
C GLN B 59 23.16 -1.42 -11.68
N GLY B 60 22.08 -1.59 -10.93
CA GLY B 60 21.65 -0.57 -9.99
C GLY B 60 21.95 -0.93 -8.54
N TYR B 61 21.17 -0.39 -7.62
CA TYR B 61 21.37 -0.66 -6.21
C TYR B 61 20.49 -1.81 -5.71
N VAL B 62 20.97 -2.53 -4.72
CA VAL B 62 20.21 -3.62 -4.12
C VAL B 62 19.62 -3.19 -2.79
N LEU B 63 18.33 -3.49 -2.58
CA LEU B 63 17.66 -3.08 -1.35
C LEU B 63 16.75 -4.16 -0.77
N ILE B 64 16.76 -4.28 0.55
CA ILE B 64 15.83 -5.14 1.29
C ILE B 64 15.32 -4.40 2.51
N ALA B 65 14.01 -4.19 2.58
CA ALA B 65 13.42 -3.39 3.67
C ALA B 65 12.06 -3.90 4.11
N HIS B 66 11.75 -3.68 5.39
CA HIS B 66 10.46 -4.03 5.98
C HIS B 66 10.02 -5.46 5.66
N ASN B 67 10.90 -6.42 5.90
CA ASN B 67 10.64 -7.81 5.58
C ASN B 67 10.49 -8.71 6.81
N GLN B 68 9.92 -9.89 6.59
CA GLN B 68 9.77 -10.91 7.63
C GLN B 68 10.21 -12.26 7.08
N VAL B 69 11.02 -12.22 6.03
CA VAL B 69 11.56 -13.44 5.42
C VAL B 69 12.89 -13.81 6.06
N ARG B 70 13.09 -15.10 6.31
CA ARG B 70 14.29 -15.56 7.01
C ARG B 70 15.45 -15.82 6.05
N GLN B 71 15.21 -15.65 4.76
CA GLN B 71 16.25 -15.89 3.76
C GLN B 71 15.96 -15.20 2.44
N VAL B 72 17.01 -14.69 1.80
CA VAL B 72 16.91 -14.07 0.49
C VAL B 72 17.90 -14.72 -0.47
N PRO B 73 17.46 -15.77 -1.17
CA PRO B 73 18.32 -16.55 -2.08
C PRO B 73 18.87 -15.72 -3.23
N LEU B 74 19.81 -14.84 -2.94
CA LEU B 74 20.50 -14.06 -3.96
C LEU B 74 21.94 -14.53 -4.07
N GLN B 75 22.15 -15.81 -3.79
CA GLN B 75 23.48 -16.41 -3.73
C GLN B 75 24.21 -16.37 -5.07
N ARG B 76 23.48 -16.18 -6.16
CA ARG B 76 24.08 -16.18 -7.49
C ARG B 76 24.58 -14.80 -7.89
N LEU B 77 24.21 -13.79 -7.12
CA LEU B 77 24.65 -12.43 -7.39
C LEU B 77 26.16 -12.29 -7.20
N ARG B 78 26.84 -11.86 -8.25
CA ARG B 78 28.30 -11.82 -8.25
C ARG B 78 28.87 -10.40 -8.38
N ILE B 79 28.16 -9.53 -9.08
CA ILE B 79 28.62 -8.16 -9.28
C ILE B 79 27.50 -7.15 -9.11
N VAL B 80 27.85 -5.95 -8.65
CA VAL B 80 26.91 -4.86 -8.50
C VAL B 80 27.52 -3.57 -9.06
N ARG B 81 27.18 -3.26 -10.31
CA ARG B 81 27.75 -2.10 -11.02
C ARG B 81 27.69 -0.83 -10.18
N GLY B 82 26.48 -0.38 -9.86
CA GLY B 82 26.30 0.71 -8.92
C GLY B 82 25.66 1.98 -9.46
N THR B 83 25.47 2.05 -10.78
CA THR B 83 24.90 3.21 -11.46
C THR B 83 23.88 4.02 -10.65
N GLN B 84 22.91 3.31 -10.06
CA GLN B 84 21.97 3.93 -9.16
C GLN B 84 22.38 3.65 -7.72
N LEU B 85 22.41 4.69 -6.90
CA LEU B 85 22.79 4.54 -5.51
C LEU B 85 21.60 4.84 -4.60
N PHE B 86 21.49 4.10 -3.51
CA PHE B 86 20.49 4.38 -2.49
C PHE B 86 20.95 5.56 -1.64
N GLU B 87 20.19 6.66 -1.72
CA GLU B 87 20.52 7.90 -1.02
C GLU B 87 21.85 8.51 -1.45
N ASP B 88 22.07 8.60 -2.77
CA ASP B 88 23.24 9.25 -3.36
C ASP B 88 24.58 8.78 -2.77
N ASN B 89 24.60 7.58 -2.22
CA ASN B 89 25.80 7.05 -1.59
C ASN B 89 25.94 5.54 -1.79
N ALA B 91 25.16 1.23 -2.54
CA ALA B 91 25.03 0.10 -3.46
C ALA B 91 24.19 -1.02 -2.84
N LEU B 92 24.46 -1.34 -1.58
CA LEU B 92 23.72 -2.38 -0.88
C LEU B 92 23.03 -1.83 0.37
N ALA B 93 21.70 -1.91 0.38
CA ALA B 93 20.92 -1.39 1.50
C ALA B 93 20.00 -2.46 2.08
N VAL B 94 20.23 -2.82 3.33
CA VAL B 94 19.35 -3.72 4.06
C VAL B 94 18.98 -3.08 5.39
N LEU B 95 17.68 -2.99 5.68
CA LEU B 95 17.20 -2.24 6.84
C LEU B 95 15.79 -2.60 7.30
N ASP B 96 15.60 -2.55 8.62
CA ASP B 96 14.30 -2.78 9.26
C ASP B 96 13.67 -4.12 8.90
N ASN B 97 14.42 -5.20 9.07
CA ASN B 97 13.93 -6.54 8.80
C ASN B 97 13.85 -7.42 10.04
N GLY B 113 10.59 -14.83 11.57
CA GLY B 113 10.41 -13.41 11.35
C GLY B 113 11.71 -12.64 11.33
N GLY B 114 11.99 -11.98 10.21
CA GLY B 114 13.21 -11.21 10.06
C GLY B 114 14.29 -11.98 9.33
N LEU B 115 15.18 -11.25 8.66
CA LEU B 115 16.28 -11.87 7.93
C LEU B 115 17.22 -12.59 8.89
N ARG B 116 17.92 -13.60 8.38
CA ARG B 116 18.83 -14.39 9.21
C ARG B 116 20.25 -14.39 8.63
N GLU B 117 20.33 -14.37 7.30
CA GLU B 117 21.62 -14.34 6.60
C GLU B 117 21.41 -13.87 5.18
N LEU B 118 22.43 -13.23 4.61
CA LEU B 118 22.36 -12.74 3.25
C LEU B 118 22.50 -13.87 2.24
N GLN B 119 23.08 -14.98 2.69
CA GLN B 119 23.26 -16.18 1.87
C GLN B 119 24.02 -15.94 0.57
N LEU B 120 24.61 -14.75 0.44
CA LEU B 120 25.22 -14.30 -0.81
C LEU B 120 26.47 -15.11 -1.18
N ARG B 121 27.62 -14.64 -0.69
CA ARG B 121 28.92 -15.28 -0.86
C ARG B 121 29.56 -15.12 -2.24
N SER B 122 28.76 -15.28 -3.30
CA SER B 122 29.28 -15.17 -4.66
C SER B 122 29.76 -13.76 -4.98
N LEU B 123 29.33 -12.79 -4.17
CA LEU B 123 29.78 -11.42 -4.30
C LEU B 123 31.28 -11.35 -4.08
N THR B 124 31.95 -10.55 -4.89
CA THR B 124 33.40 -10.44 -4.84
C THR B 124 33.88 -9.13 -5.44
N GLU B 125 32.93 -8.34 -5.92
CA GLU B 125 33.24 -7.07 -6.56
C GLU B 125 32.04 -6.11 -6.55
N ILE B 126 32.23 -4.95 -5.92
CA ILE B 126 31.19 -3.91 -5.90
C ILE B 126 31.70 -2.64 -6.57
N LYS B 128 30.77 0.77 -7.54
CA LYS B 128 30.30 2.06 -7.04
C LYS B 128 29.23 1.87 -5.96
N GLY B 129 29.27 2.73 -4.95
CA GLY B 129 28.31 2.66 -3.86
C GLY B 129 28.91 1.97 -2.65
N GLY B 130 28.19 2.02 -1.53
CA GLY B 130 28.66 1.43 -0.30
C GLY B 130 27.68 0.41 0.28
N VAL B 131 27.84 0.14 1.58
CA VAL B 131 26.98 -0.83 2.27
C VAL B 131 26.36 -0.25 3.54
N LEU B 132 25.04 -0.43 3.67
CA LEU B 132 24.27 0.07 4.80
C LEU B 132 23.37 -1.04 5.33
N ILE B 133 23.69 -1.56 6.51
CA ILE B 133 23.00 -2.73 7.05
C ILE B 133 22.49 -2.46 8.46
N GLN B 134 21.27 -1.92 8.56
CA GLN B 134 20.76 -1.44 9.84
C GLN B 134 19.52 -2.19 10.32
N ARG B 135 19.39 -2.28 11.64
CA ARG B 135 18.14 -2.67 12.29
C ARG B 135 17.57 -4.03 11.84
N ASN B 136 18.40 -5.07 11.94
CA ASN B 136 17.95 -6.42 11.63
C ASN B 136 18.21 -7.37 12.81
N PRO B 137 17.29 -7.39 13.80
CA PRO B 137 17.40 -8.16 15.04
C PRO B 137 17.80 -9.62 14.89
N GLN B 138 17.28 -10.31 13.87
CA GLN B 138 17.52 -11.73 13.74
C GLN B 138 18.62 -12.04 12.72
N LEU B 139 19.39 -11.02 12.36
CA LEU B 139 20.47 -11.16 11.40
C LEU B 139 21.78 -11.48 12.10
N CYS B 140 22.63 -12.27 11.44
CA CYS B 140 23.92 -12.65 12.01
C CYS B 140 25.00 -12.82 10.95
N TYR B 141 26.25 -12.89 11.40
CA TYR B 141 27.41 -13.08 10.53
C TYR B 141 27.60 -11.97 9.49
N GLN B 142 26.93 -10.85 9.69
CA GLN B 142 27.00 -9.75 8.74
C GLN B 142 28.23 -8.88 8.99
N ASP B 143 28.74 -8.93 10.21
CA ASP B 143 29.93 -8.17 10.57
C ASP B 143 31.16 -9.07 10.64
N THR B 144 31.14 -10.15 9.86
CA THR B 144 32.27 -11.06 9.78
C THR B 144 33.01 -10.89 8.46
N ILE B 145 32.26 -10.50 7.43
CA ILE B 145 32.82 -10.30 6.09
C ILE B 145 33.43 -8.91 5.94
N LEU B 146 34.68 -8.87 5.48
CA LEU B 146 35.31 -7.61 5.13
C LEU B 146 34.68 -7.11 3.83
N TRP B 147 34.54 -5.79 3.70
CA TRP B 147 33.85 -5.23 2.56
C TRP B 147 34.80 -4.50 1.61
N LYS B 148 36.00 -4.20 2.08
CA LYS B 148 37.00 -3.51 1.27
C LYS B 148 37.43 -4.37 0.09
N ASP B 149 37.55 -5.67 0.32
CA ASP B 149 37.97 -6.61 -0.73
C ASP B 149 36.85 -6.88 -1.72
N ILE B 150 35.62 -6.61 -1.30
CA ILE B 150 34.46 -6.80 -2.17
C ILE B 150 34.25 -5.59 -3.09
N PHE B 151 35.24 -4.71 -3.14
CA PHE B 151 35.16 -3.51 -3.98
C PHE B 151 36.06 -3.63 -5.20
N ASN B 155 36.47 1.94 -5.50
CA ASN B 155 35.67 2.56 -4.44
C ASN B 155 36.25 2.27 -3.06
N GLN B 156 37.42 2.84 -2.79
CA GLN B 156 38.07 2.67 -1.50
C GLN B 156 37.55 3.69 -0.49
N LEU B 157 36.79 4.67 -0.98
CA LEU B 157 36.21 5.69 -0.13
C LEU B 157 34.69 5.51 -0.01
N ALA B 158 34.22 4.30 -0.29
CA ALA B 158 32.81 3.98 -0.22
C ALA B 158 32.39 3.66 1.21
N LEU B 159 31.22 4.15 1.61
CA LEU B 159 30.74 4.01 2.99
C LEU B 159 30.44 2.57 3.37
N THR B 160 30.75 2.22 4.62
CA THR B 160 30.47 0.90 5.15
C THR B 160 29.87 1.02 6.55
N LEU B 161 28.54 0.98 6.63
CA LEU B 161 27.84 1.12 7.90
C LEU B 161 26.90 -0.05 8.16
N ILE B 162 27.41 -1.08 8.83
CA ILE B 162 26.62 -2.26 9.15
C ILE B 162 25.95 -2.13 10.51
N ASP B 165 22.61 -3.97 17.44
CA ASP B 165 21.41 -4.76 17.18
C ASP B 165 21.62 -6.23 17.49
N ARG B 166 20.73 -7.07 16.96
CA ARG B 166 20.70 -8.52 17.20
C ARG B 166 20.22 -8.92 18.59
N SER B 167 19.28 -9.87 18.64
CA SER B 167 18.70 -10.32 19.90
C SER B 167 18.34 -11.81 19.83
N CYS B 170 25.25 -14.99 18.73
CA CYS B 170 24.97 -15.96 17.67
C CYS B 170 26.09 -17.00 17.54
N HIS B 171 25.89 -17.96 16.64
CA HIS B 171 26.85 -19.04 16.44
C HIS B 171 28.05 -18.59 15.63
N PRO B 172 29.26 -18.99 16.07
CA PRO B 172 30.52 -18.66 15.38
C PRO B 172 30.55 -19.18 13.95
N ARG B 181 35.75 -14.73 8.61
CA ARG B 181 35.05 -14.22 7.45
C ARG B 181 33.99 -15.19 6.96
N CYS B 182 32.76 -15.01 7.43
CA CYS B 182 31.66 -15.89 7.04
C CYS B 182 30.38 -15.08 6.81
N ASP C 13 -20.53 4.95 -14.06
CA ASP C 13 -21.54 4.39 -13.17
C ASP C 13 -22.25 5.49 -12.39
N LEU C 14 -22.73 6.50 -13.10
CA LEU C 14 -23.38 7.66 -12.48
C LEU C 14 -24.70 7.28 -11.83
N GLY C 15 -25.29 6.17 -12.26
CA GLY C 15 -26.55 5.71 -11.71
C GLY C 15 -26.49 5.43 -10.22
N LYS C 16 -25.46 4.70 -9.80
CA LYS C 16 -25.27 4.37 -8.40
C LYS C 16 -25.14 5.62 -7.55
N LYS C 17 -24.41 6.61 -8.07
CA LYS C 17 -24.22 7.87 -7.37
C LYS C 17 -25.50 8.70 -7.38
N LEU C 18 -26.39 8.43 -8.33
CA LEU C 18 -27.64 9.17 -8.46
C LEU C 18 -28.67 8.76 -7.41
N LEU C 19 -28.90 7.46 -7.26
CA LEU C 19 -29.85 6.98 -6.26
C LEU C 19 -29.23 7.02 -4.87
N ALA C 21 -27.57 10.07 -3.92
CA ALA C 21 -27.84 11.50 -4.00
C ALA C 21 -29.29 11.81 -3.65
N ALA C 22 -30.22 11.26 -4.44
CA ALA C 22 -31.64 11.49 -4.22
C ALA C 22 -32.11 10.82 -2.93
N ARG C 23 -31.41 9.76 -2.53
CA ARG C 23 -31.73 9.06 -1.29
C ARG C 23 -31.39 9.92 -0.08
N ALA C 24 -30.24 10.57 -0.14
CA ALA C 24 -29.80 11.44 0.96
C ALA C 24 -30.31 12.86 0.78
N GLY C 25 -30.86 13.14 -0.40
CA GLY C 25 -31.37 14.47 -0.71
C GLY C 25 -30.27 15.49 -0.90
N GLN C 26 -29.30 15.14 -1.74
CA GLN C 26 -28.18 16.02 -2.03
C GLN C 26 -28.45 16.76 -3.34
N ASP C 27 -29.38 17.70 -3.29
CA ASP C 27 -29.93 18.36 -4.46
C ASP C 27 -28.90 18.94 -5.43
N ASP C 28 -27.81 19.48 -4.90
CA ASP C 28 -26.75 20.05 -5.72
C ASP C 28 -26.09 18.95 -6.57
N GLU C 29 -25.89 17.79 -5.95
CA GLU C 29 -25.29 16.66 -6.64
C GLU C 29 -26.25 16.07 -7.67
N VAL C 30 -27.53 16.00 -7.30
CA VAL C 30 -28.57 15.53 -8.21
C VAL C 30 -28.62 16.40 -9.46
N ARG C 31 -28.62 17.71 -9.27
CA ARG C 31 -28.66 18.66 -10.37
C ARG C 31 -27.37 18.62 -11.18
N ILE C 32 -26.25 18.38 -10.51
CA ILE C 32 -24.97 18.29 -11.19
C ILE C 32 -24.82 16.97 -11.93
N LEU C 33 -25.72 16.03 -11.64
CA LEU C 33 -25.70 14.73 -12.29
C LEU C 33 -26.62 14.72 -13.52
N MET C 34 -27.81 15.27 -13.33
CA MET C 34 -28.80 15.33 -14.41
C MET C 34 -28.29 16.13 -15.60
N ALA C 35 -27.49 17.15 -15.31
CA ALA C 35 -26.94 18.01 -16.35
C ALA C 35 -25.81 17.33 -17.13
N ASN C 36 -25.47 16.12 -16.71
CA ASN C 36 -24.42 15.36 -17.39
C ASN C 36 -24.94 14.06 -17.98
N ASP C 39 -29.41 9.13 -16.90
CA ASP C 39 -30.55 8.23 -16.76
C ASP C 39 -31.28 8.52 -15.46
N VAL C 40 -32.40 9.24 -15.56
CA VAL C 40 -33.23 9.53 -14.39
C VAL C 40 -34.10 8.32 -14.06
N ASN C 41 -34.08 7.33 -14.96
CA ASN C 41 -34.87 6.12 -14.79
C ASN C 41 -34.01 4.91 -14.42
N ALA C 42 -32.91 5.15 -13.72
CA ALA C 42 -32.02 4.08 -13.31
C ALA C 42 -32.67 3.18 -12.26
N LYS C 43 -32.31 1.90 -12.27
CA LYS C 43 -32.88 0.94 -11.33
C LYS C 43 -31.81 0.29 -10.47
N ILE C 48 -36.33 -0.24 -8.34
CA ILE C 48 -35.95 0.98 -7.63
C ILE C 48 -35.76 2.14 -8.60
N THR C 49 -35.99 3.35 -8.12
CA THR C 49 -35.80 4.56 -8.91
C THR C 49 -35.35 5.69 -7.99
N PRO C 50 -34.73 6.75 -8.56
CA PRO C 50 -34.44 7.94 -7.76
C PRO C 50 -35.71 8.58 -7.22
N LEU C 51 -36.78 8.53 -8.01
CA LEU C 51 -38.05 9.14 -7.62
C LEU C 51 -38.72 8.42 -6.45
N HIS C 52 -38.67 7.09 -6.47
CA HIS C 52 -39.14 6.29 -5.34
C HIS C 52 -38.48 6.78 -4.06
N LEU C 53 -37.15 6.91 -4.14
CA LEU C 53 -36.34 7.37 -3.02
C LEU C 53 -36.74 8.76 -2.53
N ALA C 54 -36.64 9.75 -3.42
CA ALA C 54 -36.94 11.13 -3.07
C ALA C 54 -38.35 11.30 -2.50
N ALA C 55 -39.30 10.58 -3.07
CA ALA C 55 -40.69 10.64 -2.62
C ALA C 55 -40.88 9.94 -1.27
N ALA C 56 -40.10 8.89 -1.03
CA ALA C 56 -40.21 8.15 0.22
C ALA C 56 -39.58 8.91 1.39
N TYR C 57 -38.41 9.46 1.16
CA TYR C 57 -37.69 10.22 2.17
C TYR C 57 -38.27 11.63 2.31
N GLY C 58 -38.95 12.09 1.27
CA GLY C 58 -39.60 13.39 1.28
C GLY C 58 -38.68 14.54 0.93
N HIS C 59 -38.31 14.62 -0.35
CA HIS C 59 -37.45 15.70 -0.84
C HIS C 59 -38.10 16.36 -2.05
N LEU C 60 -38.99 17.32 -1.80
CA LEU C 60 -39.84 17.92 -2.83
C LEU C 60 -39.09 18.43 -4.07
N GLU C 61 -38.08 19.27 -3.85
CA GLU C 61 -37.30 19.84 -4.94
C GLU C 61 -36.69 18.75 -5.82
N ILE C 62 -36.20 17.70 -5.18
CA ILE C 62 -35.62 16.57 -5.89
C ILE C 62 -36.63 15.92 -6.83
N VAL C 63 -37.82 15.59 -6.32
CA VAL C 63 -38.84 14.96 -7.13
C VAL C 63 -39.31 15.89 -8.26
N GLU C 64 -39.30 17.19 -8.00
CA GLU C 64 -39.74 18.16 -8.99
C GLU C 64 -38.77 18.25 -10.16
N VAL C 65 -37.48 18.42 -9.84
CA VAL C 65 -36.45 18.45 -10.88
C VAL C 65 -36.40 17.12 -11.63
N LEU C 66 -36.60 16.03 -10.90
CA LEU C 66 -36.65 14.70 -11.48
C LEU C 66 -37.75 14.61 -12.54
N LEU C 67 -38.96 15.03 -12.17
CA LEU C 67 -40.06 15.05 -13.12
C LEU C 67 -39.75 15.96 -14.31
N LYS C 68 -39.08 17.07 -14.03
CA LYS C 68 -38.67 18.01 -15.08
C LYS C 68 -37.67 17.37 -16.04
N HIS C 69 -36.97 16.35 -15.58
CA HIS C 69 -36.03 15.62 -16.42
C HIS C 69 -36.70 14.44 -17.12
N GLY C 70 -38.01 14.33 -16.95
CA GLY C 70 -38.76 13.26 -17.57
C GLY C 70 -38.69 11.95 -16.81
N ALA C 71 -39.03 12.00 -15.52
CA ALA C 71 -39.01 10.81 -14.67
C ALA C 71 -40.38 10.14 -14.66
N ASP C 72 -40.39 8.82 -14.60
CA ASP C 72 -41.63 8.06 -14.59
C ASP C 72 -42.40 8.30 -13.30
N VAL C 73 -43.65 8.74 -13.43
CA VAL C 73 -44.50 9.01 -12.29
C VAL C 73 -45.20 7.74 -11.82
N ASN C 74 -45.49 6.83 -12.75
CA ASN C 74 -46.13 5.56 -12.43
C ASN C 74 -45.12 4.42 -12.40
N ALA C 75 -43.89 4.73 -12.01
CA ALA C 75 -42.84 3.72 -11.92
C ALA C 75 -43.17 2.67 -10.87
N HIS C 76 -42.65 1.46 -11.06
CA HIS C 76 -43.07 0.31 -10.29
C HIS C 76 -41.89 -0.42 -9.64
N ASP C 77 -42.01 -0.70 -8.35
CA ASP C 77 -40.96 -1.39 -7.60
C ASP C 77 -41.24 -2.88 -7.50
N TRP C 81 -44.47 -1.23 -6.23
CA TRP C 81 -44.70 -0.01 -5.46
C TRP C 81 -44.46 1.23 -6.30
N THR C 82 -45.26 2.26 -6.06
CA THR C 82 -45.16 3.52 -6.78
C THR C 82 -44.58 4.61 -5.89
N PRO C 83 -44.10 5.71 -6.49
CA PRO C 83 -43.74 6.89 -5.70
C PRO C 83 -44.93 7.43 -4.93
N LEU C 84 -46.09 7.49 -5.58
CA LEU C 84 -47.30 8.01 -4.95
C LEU C 84 -47.72 7.20 -3.74
N HIS C 85 -47.63 5.88 -3.85
CA HIS C 85 -47.99 4.98 -2.75
C HIS C 85 -47.05 5.20 -1.56
N LEU C 86 -45.75 5.22 -1.83
CA LEU C 86 -44.74 5.46 -0.81
C LEU C 86 -44.99 6.77 -0.08
N ALA C 87 -45.12 7.86 -0.85
CA ALA C 87 -45.36 9.18 -0.29
C ALA C 87 -46.68 9.23 0.49
N ALA C 88 -47.64 8.42 0.07
CA ALA C 88 -48.93 8.34 0.75
C ALA C 88 -48.81 7.51 2.03
N LYS C 89 -47.75 6.73 2.13
CA LYS C 89 -47.52 5.90 3.31
C LYS C 89 -46.72 6.64 4.37
N TYR C 90 -45.69 7.36 3.95
CA TYR C 90 -44.78 8.03 4.89
C TYR C 90 -45.26 9.43 5.29
N GLY C 91 -46.35 9.89 4.68
CA GLY C 91 -46.94 11.16 5.03
C GLY C 91 -46.23 12.37 4.46
N HIS C 92 -46.17 12.45 3.13
CA HIS C 92 -45.57 13.59 2.46
C HIS C 92 -46.61 14.26 1.55
N LEU C 93 -47.36 15.19 2.14
CA LEU C 93 -48.55 15.77 1.49
C LEU C 93 -48.27 16.47 0.17
N GLU C 94 -47.39 17.47 0.21
CA GLU C 94 -47.04 18.24 -0.98
C GLU C 94 -46.52 17.35 -2.11
N ILE C 95 -45.67 16.39 -1.76
CA ILE C 95 -45.12 15.44 -2.72
C ILE C 95 -46.23 14.67 -3.41
N VAL C 96 -47.22 14.23 -2.63
CA VAL C 96 -48.37 13.54 -3.18
C VAL C 96 -49.13 14.46 -4.11
N GLU C 97 -49.26 15.72 -3.71
CA GLU C 97 -50.00 16.70 -4.50
C GLU C 97 -49.32 17.05 -5.82
N VAL C 98 -48.00 16.87 -5.89
CA VAL C 98 -47.29 17.13 -7.14
C VAL C 98 -47.12 15.84 -7.94
N LEU C 99 -47.36 14.71 -7.29
CA LEU C 99 -47.30 13.42 -7.98
C LEU C 99 -48.61 13.12 -8.68
N LEU C 100 -49.72 13.25 -7.95
CA LEU C 100 -51.04 13.00 -8.50
C LEU C 100 -51.41 14.00 -9.59
N LYS C 101 -50.83 15.19 -9.51
CA LYS C 101 -51.06 16.23 -10.50
C LYS C 101 -50.23 15.99 -11.76
N HIS C 102 -49.58 14.83 -11.84
CA HIS C 102 -48.75 14.49 -12.98
C HIS C 102 -49.11 13.11 -13.53
N GLY C 103 -50.40 12.86 -13.72
CA GLY C 103 -50.88 11.62 -14.31
C GLY C 103 -50.55 10.38 -13.50
N ALA C 104 -50.60 10.50 -12.18
CA ALA C 104 -50.31 9.38 -11.30
C ALA C 104 -51.54 8.51 -11.07
N ASP C 105 -51.32 7.22 -10.84
CA ASP C 105 -52.41 6.31 -10.53
C ASP C 105 -52.89 6.54 -9.11
N VAL C 106 -54.06 7.17 -8.98
CA VAL C 106 -54.64 7.44 -7.68
C VAL C 106 -55.07 6.14 -7.00
N ASN C 107 -55.27 5.11 -7.81
CA ASN C 107 -55.64 3.80 -7.30
C ASN C 107 -54.71 2.70 -7.81
N ASN C 111 -50.07 -3.55 -5.99
CA ASN C 111 -49.03 -3.92 -5.05
C ASN C 111 -49.34 -5.27 -4.40
N ALA C 112 -49.70 -5.22 -3.11
CA ALA C 112 -50.23 -6.39 -2.43
C ALA C 112 -51.74 -6.22 -2.38
N GLY C 113 -52.29 -5.64 -3.44
CA GLY C 113 -53.69 -5.26 -3.49
C GLY C 113 -53.86 -3.83 -3.03
N LYS C 114 -52.97 -3.39 -2.16
CA LYS C 114 -53.06 -2.07 -1.52
C LYS C 114 -52.86 -0.90 -2.48
N THR C 115 -53.74 0.08 -2.39
CA THR C 115 -53.63 1.33 -3.15
C THR C 115 -53.25 2.43 -2.17
N PRO C 116 -52.82 3.61 -2.69
CA PRO C 116 -52.53 4.77 -1.84
C PRO C 116 -53.57 5.12 -0.77
N LEU C 117 -54.86 5.03 -1.09
CA LEU C 117 -55.93 5.33 -0.13
C LEU C 117 -55.93 4.37 1.07
N HIS C 118 -55.23 3.24 0.93
CA HIS C 118 -55.07 2.26 2.01
C HIS C 118 -53.93 2.66 2.95
N LEU C 119 -52.71 2.74 2.41
CA LEU C 119 -51.52 3.21 3.14
C LEU C 119 -51.76 4.55 3.85
N ALA C 120 -52.55 5.42 3.22
CA ALA C 120 -52.94 6.67 3.84
C ALA C 120 -53.94 6.44 4.97
N ALA C 121 -55.01 5.70 4.69
CA ALA C 121 -56.09 5.50 5.66
C ALA C 121 -55.80 4.39 6.68
N ALA C 122 -54.53 4.00 6.79
CA ALA C 122 -54.13 3.03 7.80
C ALA C 122 -53.13 3.68 8.75
N HIS C 123 -52.65 4.86 8.36
CA HIS C 123 -51.61 5.55 9.11
C HIS C 123 -52.12 6.88 9.65
N GLY C 124 -53.44 7.06 9.64
CA GLY C 124 -54.05 8.27 10.16
C GLY C 124 -53.62 9.52 9.43
N HIS C 125 -53.91 9.58 8.14
CA HIS C 125 -53.56 10.73 7.32
C HIS C 125 -54.80 11.43 6.78
N LEU C 126 -55.43 12.24 7.63
CA LEU C 126 -56.66 12.94 7.26
C LEU C 126 -56.47 13.85 6.04
N GLU C 127 -55.43 14.66 6.05
CA GLU C 127 -55.14 15.55 4.93
C GLU C 127 -54.95 14.78 3.64
N ILE C 128 -54.15 13.71 3.71
CA ILE C 128 -53.87 12.87 2.56
C ILE C 128 -55.13 12.19 2.03
N VAL C 129 -55.89 11.58 2.93
CA VAL C 129 -57.12 10.88 2.55
C VAL C 129 -58.15 11.83 1.94
N GLU C 130 -58.23 13.04 2.50
CA GLU C 130 -59.16 14.06 2.00
C GLU C 130 -58.77 14.53 0.61
N VAL C 131 -57.50 14.90 0.45
CA VAL C 131 -57.01 15.40 -0.83
C VAL C 131 -57.08 14.32 -1.91
N LEU C 132 -56.88 13.07 -1.51
CA LEU C 132 -56.88 11.96 -2.45
C LEU C 132 -58.29 11.46 -2.77
N LEU C 133 -59.24 11.75 -1.87
CA LEU C 133 -60.63 11.33 -2.06
C LEU C 133 -61.21 11.85 -3.37
N LYS C 134 -60.72 13.01 -3.80
CA LYS C 134 -61.14 13.60 -5.06
C LYS C 134 -60.07 13.45 -6.13
N ALA C 137 -60.01 8.81 -6.05
CA ALA C 137 -59.71 7.52 -5.43
C ALA C 137 -61.00 6.82 -4.99
N ASP C 138 -61.08 5.53 -5.25
CA ASP C 138 -62.25 4.75 -4.86
C ASP C 138 -62.09 4.18 -3.45
N VAL C 139 -63.16 4.30 -2.67
CA VAL C 139 -63.18 3.84 -1.29
C VAL C 139 -63.80 2.45 -1.21
N ASN C 140 -64.63 2.13 -2.20
CA ASN C 140 -65.29 0.83 -2.24
C ASN C 140 -64.30 -0.29 -2.53
N ASP C 143 -57.58 -4.49 -0.35
CA ASP C 143 -56.46 -5.39 -0.12
C ASP C 143 -56.79 -6.80 -0.59
N LYS C 144 -55.78 -7.68 -0.55
CA LYS C 144 -55.97 -9.06 -0.96
C LYS C 144 -56.73 -9.87 0.10
N PHE C 145 -56.96 -9.25 1.24
CA PHE C 145 -57.72 -9.87 2.31
C PHE C 145 -59.16 -9.34 2.29
N GLY C 146 -59.52 -8.68 1.20
CA GLY C 146 -60.83 -8.08 1.07
C GLY C 146 -60.99 -6.89 1.98
N LYS C 147 -59.85 -6.35 2.44
CA LYS C 147 -59.85 -5.23 3.36
C LYS C 147 -59.86 -3.89 2.64
N THR C 148 -60.95 -3.14 2.83
CA THR C 148 -61.05 -1.78 2.30
C THR C 148 -60.24 -0.84 3.18
N PRO C 149 -59.93 0.37 2.69
CA PRO C 149 -59.22 1.32 3.56
C PRO C 149 -60.02 1.68 4.81
N PHE C 150 -61.34 1.58 4.73
CA PHE C 150 -62.21 1.89 5.86
C PHE C 150 -62.04 0.89 7.01
N ASP C 151 -61.64 -0.33 6.67
CA ASP C 151 -61.43 -1.38 7.67
C ASP C 151 -60.04 -1.28 8.29
N LEU C 152 -59.32 -0.22 7.94
CA LEU C 152 -57.95 -0.04 8.43
C LEU C 152 -57.79 1.33 9.09
N LEU D 14 22.73 10.71 14.22
CA LEU D 14 23.06 11.92 13.48
C LEU D 14 24.55 11.96 13.12
N GLY D 15 25.28 10.95 13.57
CA GLY D 15 26.70 10.83 13.26
C GLY D 15 26.91 10.23 11.89
N LYS D 16 25.85 9.65 11.33
CA LYS D 16 25.92 9.05 10.00
C LYS D 16 25.55 10.07 8.94
N LYS D 17 24.55 10.90 9.23
CA LYS D 17 24.10 11.92 8.29
C LYS D 17 25.20 12.96 8.05
N LEU D 18 26.07 13.13 9.03
CA LEU D 18 27.17 14.09 8.93
C LEU D 18 28.27 13.56 8.01
N LEU D 19 28.65 12.31 8.21
CA LEU D 19 29.72 11.69 7.42
C LEU D 19 29.28 11.40 5.99
N GLY D 47 36.40 3.14 8.62
CA GLY D 47 37.63 3.89 8.76
C GLY D 47 37.61 5.19 8.00
N ILE D 48 36.44 5.82 7.94
CA ILE D 48 36.28 7.07 7.23
C ILE D 48 35.65 8.11 8.15
N THR D 49 36.35 9.23 8.34
CA THR D 49 35.77 10.37 9.07
C THR D 49 35.46 11.54 8.11
N PRO D 50 34.56 12.44 8.52
CA PRO D 50 34.13 13.60 7.74
C PRO D 50 35.29 14.43 7.19
N LEU D 51 36.46 14.32 7.81
CA LEU D 51 37.68 14.92 7.28
C LEU D 51 38.16 14.31 5.95
N HIS D 52 38.20 12.98 5.87
CA HIS D 52 38.53 12.32 4.60
C HIS D 52 37.56 12.75 3.50
N LEU D 53 36.27 12.78 3.84
CA LEU D 53 35.23 13.12 2.89
C LEU D 53 35.35 14.57 2.46
N ALA D 54 35.84 15.41 3.38
CA ALA D 54 36.07 16.81 3.10
C ALA D 54 37.24 16.96 2.12
N ALA D 55 38.28 16.18 2.35
CA ALA D 55 39.45 16.19 1.46
C ALA D 55 39.06 15.71 0.06
N TYR D 57 36.47 15.09 -1.72
CA TYR D 57 35.50 15.73 -2.59
C TYR D 57 36.04 17.05 -3.13
N GLY D 58 37.04 17.60 -2.46
CA GLY D 58 37.64 18.86 -2.87
C GLY D 58 36.98 20.07 -2.25
N HIS D 59 36.33 19.86 -1.10
CA HIS D 59 35.68 20.95 -0.39
C HIS D 59 36.67 21.61 0.58
N LEU D 60 36.86 22.92 0.47
CA LEU D 60 37.83 23.62 1.29
C LEU D 60 37.24 24.08 2.63
N GLU D 61 36.12 24.80 2.55
CA GLU D 61 35.45 25.32 3.74
C GLU D 61 35.05 24.20 4.68
N ILE D 62 34.65 23.08 4.09
CA ILE D 62 34.28 21.89 4.85
C ILE D 62 35.42 21.44 5.77
N VAL D 63 36.64 21.31 5.23
CA VAL D 63 37.78 20.95 6.08
C VAL D 63 38.13 22.08 7.04
N GLU D 64 37.87 23.31 6.62
CA GLU D 64 38.17 24.47 7.46
C GLU D 64 37.40 24.38 8.76
N VAL D 65 36.09 24.17 8.67
CA VAL D 65 35.24 24.11 9.84
C VAL D 65 35.29 22.74 10.54
N LEU D 66 35.61 21.68 9.79
CA LEU D 66 35.76 20.35 10.37
C LEU D 66 36.98 20.31 11.30
N LEU D 67 38.05 20.95 10.86
CA LEU D 67 39.27 21.04 11.66
C LEU D 67 39.14 22.11 12.73
N LYS D 68 38.37 23.16 12.45
CA LYS D 68 38.11 24.20 13.43
C LYS D 68 37.33 23.64 14.62
N HIS D 69 36.56 22.59 14.38
CA HIS D 69 35.77 21.95 15.43
C HIS D 69 36.53 20.80 16.08
N GLY D 70 37.85 20.82 15.95
CA GLY D 70 38.71 19.84 16.60
C GLY D 70 38.59 18.45 16.02
N ALA D 71 39.12 18.25 14.83
CA ALA D 71 39.15 16.93 14.20
C ALA D 71 40.58 16.50 13.93
N ASP D 72 40.86 15.22 14.15
CA ASP D 72 42.18 14.68 13.87
C ASP D 72 42.55 14.84 12.40
N VAL D 73 43.82 15.17 12.14
CA VAL D 73 44.31 15.34 10.78
C VAL D 73 45.32 14.23 10.43
N ASN D 74 45.62 13.39 11.41
CA ASN D 74 46.56 12.29 11.23
C ASN D 74 45.85 10.95 11.37
N ALA D 75 44.52 11.00 11.45
CA ALA D 75 43.73 9.79 11.58
C ALA D 75 43.55 9.09 10.22
N GLY D 80 44.92 2.62 4.92
CA GLY D 80 45.51 3.36 6.02
C GLY D 80 45.90 4.76 5.60
N TRP D 81 45.02 5.42 4.86
CA TRP D 81 45.30 6.75 4.32
C TRP D 81 44.95 7.89 5.28
N THR D 82 45.69 8.99 5.17
CA THR D 82 45.46 10.23 5.91
C THR D 82 44.81 11.24 4.96
N PRO D 83 44.05 12.22 5.50
CA PRO D 83 43.42 13.26 4.67
C PRO D 83 44.39 13.90 3.68
N LEU D 84 45.66 13.99 4.07
CA LEU D 84 46.72 14.50 3.20
C LEU D 84 47.00 13.56 2.02
N HIS D 85 46.95 12.26 2.27
CA HIS D 85 47.12 11.26 1.21
C HIS D 85 46.08 11.43 0.12
N LEU D 86 44.88 11.84 0.52
CA LEU D 86 43.76 11.98 -0.42
C LEU D 86 43.78 13.36 -1.10
N ALA D 87 44.12 14.38 -0.33
CA ALA D 87 44.11 15.75 -0.84
C ALA D 87 45.25 15.99 -1.81
N ALA D 88 46.33 15.22 -1.65
CA ALA D 88 47.49 15.34 -2.52
C ALA D 88 47.38 14.43 -3.74
N LYS D 89 46.37 13.57 -3.74
CA LYS D 89 46.16 12.64 -4.85
C LYS D 89 45.09 13.16 -5.81
N TYR D 90 43.96 13.59 -5.27
CA TYR D 90 42.87 14.11 -6.08
C TYR D 90 43.26 15.42 -6.77
N GLY D 91 44.24 16.11 -6.20
CA GLY D 91 44.78 17.32 -6.81
C GLY D 91 44.20 18.60 -6.26
N HIS D 92 43.93 18.63 -4.96
CA HIS D 92 43.33 19.82 -4.34
C HIS D 92 44.35 20.58 -3.48
N LEU D 93 45.08 21.48 -4.14
CA LEU D 93 46.18 22.23 -3.53
C LEU D 93 45.76 23.08 -2.33
N GLU D 94 44.68 23.85 -2.51
CA GLU D 94 44.21 24.79 -1.49
C GLU D 94 43.83 24.09 -0.18
N ILE D 95 43.51 22.80 -0.26
CA ILE D 95 43.15 22.01 0.91
C ILE D 95 44.39 21.52 1.67
N VAL D 96 45.38 21.00 0.95
CA VAL D 96 46.65 20.60 1.58
C VAL D 96 47.35 21.79 2.23
N GLU D 97 47.28 22.95 1.56
CA GLU D 97 47.88 24.17 2.12
C GLU D 97 47.34 24.51 3.52
N VAL D 98 46.02 24.54 3.65
CA VAL D 98 45.40 24.82 4.93
C VAL D 98 45.55 23.63 5.88
N LEU D 99 45.78 22.45 5.30
CA LEU D 99 45.87 21.22 6.08
C LEU D 99 47.17 21.14 6.88
N LEU D 100 48.30 21.27 6.18
CA LEU D 100 49.62 21.12 6.80
C LEU D 100 49.85 22.06 7.98
N LYS D 101 49.20 23.23 7.95
CA LYS D 101 49.31 24.19 9.04
C LYS D 101 48.57 23.71 10.28
N GLY D 103 49.14 20.83 11.83
CA GLY D 103 49.19 19.59 12.60
C GLY D 103 49.02 18.37 11.74
N ALA D 104 49.60 18.40 10.55
CA ALA D 104 49.49 17.28 9.60
C ALA D 104 50.86 16.67 9.29
N ASP D 105 51.00 15.39 9.60
CA ASP D 105 52.21 14.65 9.29
C ASP D 105 52.45 14.65 7.78
N VAL D 106 53.63 15.09 7.37
CA VAL D 106 53.99 15.15 5.96
C VAL D 106 54.61 13.82 5.49
N ASN D 107 55.39 13.20 6.37
CA ASN D 107 56.06 11.95 6.03
C ASN D 107 55.64 10.79 6.93
N ILE D 109 53.18 7.43 5.68
CA ILE D 109 53.23 6.05 5.21
C ILE D 109 51.87 5.36 5.43
N ASP D 110 51.55 4.41 4.55
CA ASP D 110 50.29 3.68 4.68
C ASP D 110 50.47 2.20 4.34
N ASN D 111 49.36 1.51 4.07
CA ASN D 111 49.37 0.09 3.76
C ASN D 111 50.20 -0.21 2.52
N ALA D 112 50.29 0.78 1.62
CA ALA D 112 51.12 0.66 0.43
C ALA D 112 52.52 1.22 0.71
N GLY D 113 52.62 2.03 1.77
CA GLY D 113 53.88 2.63 2.14
C GLY D 113 54.14 3.91 1.37
N LYS D 114 53.07 4.55 0.93
CA LYS D 114 53.19 5.74 0.09
C LYS D 114 53.04 7.03 0.89
N THR D 115 53.85 8.02 0.53
CA THR D 115 53.86 9.33 1.15
C THR D 115 53.34 10.34 0.12
N PRO D 116 52.41 11.24 0.54
CA PRO D 116 51.69 12.17 -0.35
C PRO D 116 52.50 12.72 -1.52
N LEU D 117 53.80 12.85 -1.36
CA LEU D 117 54.68 13.22 -2.45
C LEU D 117 54.68 12.15 -3.54
N HIS D 118 54.60 10.88 -3.14
CA HIS D 118 54.56 9.75 -4.07
C HIS D 118 53.36 9.83 -5.03
N LEU D 119 52.16 9.92 -4.46
CA LEU D 119 50.93 9.96 -5.25
C LEU D 119 50.72 11.29 -5.98
N ALA D 120 51.27 12.36 -5.43
CA ALA D 120 51.18 13.67 -6.08
C ALA D 120 52.12 13.72 -7.28
N ALA D 121 53.26 13.04 -7.16
CA ALA D 121 54.21 12.95 -8.26
C ALA D 121 53.74 11.94 -9.30
N ALA D 122 52.97 10.95 -8.85
CA ALA D 122 52.47 9.91 -9.73
C ALA D 122 51.37 10.42 -10.65
N HIS D 123 50.48 11.24 -10.11
CA HIS D 123 49.34 11.76 -10.88
C HIS D 123 49.66 13.06 -11.60
N GLY D 124 50.89 13.54 -11.44
CA GLY D 124 51.34 14.73 -12.14
C GLY D 124 50.76 16.03 -11.62
N HIS D 125 51.12 16.40 -10.40
CA HIS D 125 50.66 17.65 -9.79
C HIS D 125 51.85 18.47 -9.31
N LEU D 126 52.34 19.37 -10.16
CA LEU D 126 53.54 20.15 -9.87
C LEU D 126 53.37 21.06 -8.66
N GLU D 127 52.18 21.65 -8.53
CA GLU D 127 51.88 22.52 -7.39
C GLU D 127 52.02 21.74 -6.07
N ILE D 128 51.14 20.77 -5.87
CA ILE D 128 51.14 19.96 -4.66
C ILE D 128 52.50 19.33 -4.37
N VAL D 129 53.19 18.89 -5.41
CA VAL D 129 54.56 18.37 -5.24
C VAL D 129 55.48 19.43 -4.66
N GLU D 130 55.49 20.60 -5.29
CA GLU D 130 56.34 21.70 -4.86
C GLU D 130 56.10 22.11 -3.41
N VAL D 131 54.82 22.30 -3.04
CA VAL D 131 54.52 22.76 -1.69
C VAL D 131 54.61 21.65 -0.64
N LEU D 132 54.48 20.40 -1.06
CA LEU D 132 54.63 19.27 -0.13
C LEU D 132 56.11 19.07 0.16
N LEU D 133 56.95 19.33 -0.84
CA LEU D 133 58.40 19.27 -0.66
C LEU D 133 58.84 20.44 0.22
N LYS D 134 58.37 21.64 -0.11
CA LYS D 134 58.73 22.85 0.64
C LYS D 134 58.30 22.77 2.10
N TYR D 135 57.38 21.86 2.40
CA TYR D 135 56.95 21.61 3.76
C TYR D 135 57.81 20.52 4.42
N GLY D 136 58.84 20.08 3.70
CA GLY D 136 59.78 19.11 4.23
C GLY D 136 59.35 17.67 4.04
N ALA D 137 59.44 17.19 2.80
CA ALA D 137 59.10 15.81 2.47
C ALA D 137 60.33 14.98 2.14
N ASP D 138 60.30 13.71 2.52
CA ASP D 138 61.43 12.82 2.30
C ASP D 138 61.64 12.56 0.82
N VAL D 139 62.62 13.24 0.23
CA VAL D 139 62.89 13.14 -1.20
C VAL D 139 63.38 11.75 -1.60
N ASN D 140 63.93 11.00 -0.64
CA ASN D 140 64.38 9.65 -0.91
C ASN D 140 63.75 8.62 0.02
N ALA D 141 62.44 8.71 0.19
CA ALA D 141 61.69 7.70 0.93
C ALA D 141 61.42 6.52 0.03
N GLN D 142 60.84 5.46 0.59
CA GLN D 142 60.55 4.26 -0.18
C GLN D 142 59.23 3.61 0.24
N ASP D 143 58.59 2.94 -0.70
CA ASP D 143 57.37 2.20 -0.42
C ASP D 143 57.65 0.70 -0.48
N LYS D 144 56.60 -0.10 -0.27
CA LYS D 144 56.72 -1.55 -0.19
C LYS D 144 57.44 -2.16 -1.39
N PHE D 145 57.18 -1.62 -2.57
CA PHE D 145 57.83 -2.09 -3.80
C PHE D 145 58.92 -1.11 -4.23
N THR D 148 59.87 4.98 -5.32
CA THR D 148 60.49 6.29 -5.21
C THR D 148 59.74 7.28 -6.11
N PRO D 149 59.35 8.45 -5.56
CA PRO D 149 58.45 9.41 -6.23
C PRO D 149 59.10 9.95 -7.51
N PHE D 150 60.39 10.26 -7.41
CA PHE D 150 61.29 10.54 -8.53
C PHE D 150 60.97 9.63 -9.72
N ASP D 151 61.14 8.32 -9.55
CA ASP D 151 60.89 7.39 -10.64
C ASP D 151 59.40 7.17 -10.89
N LEU D 152 58.61 7.26 -9.82
CA LEU D 152 57.17 7.09 -9.92
C LEU D 152 56.58 8.04 -10.95
N ALA D 153 57.17 9.23 -11.06
CA ALA D 153 56.75 10.19 -12.08
C ALA D 153 57.25 9.77 -13.46
N ILE D 154 58.48 9.26 -13.52
CA ILE D 154 59.11 8.85 -14.77
C ILE D 154 58.34 7.72 -15.47
N ASP D 155 57.50 7.01 -14.72
CA ASP D 155 56.66 5.97 -15.29
C ASP D 155 55.40 6.56 -15.92
N ASN D 156 55.03 7.76 -15.47
CA ASN D 156 53.85 8.44 -15.98
C ASN D 156 54.19 9.53 -17.00
N GLY D 157 55.47 9.68 -17.29
CA GLY D 157 55.93 10.68 -18.23
C GLY D 157 55.75 12.09 -17.70
N ASN D 158 56.03 12.28 -16.42
CA ASN D 158 55.92 13.59 -15.79
C ASN D 158 57.28 14.26 -15.62
N GLU D 159 58.03 14.34 -16.71
CA GLU D 159 59.36 14.96 -16.69
C GLU D 159 59.25 16.46 -16.46
N ILE D 161 58.30 17.93 -13.22
CA ILE D 161 58.17 17.37 -11.87
C ILE D 161 59.38 16.52 -11.51
N ALA D 162 59.64 15.49 -12.32
CA ALA D 162 60.78 14.60 -12.10
C ALA D 162 62.08 15.40 -12.02
N GLU D 163 62.23 16.36 -12.92
CA GLU D 163 63.40 17.24 -12.93
C GLU D 163 63.58 17.92 -11.58
N VAL D 164 62.47 18.39 -11.01
CA VAL D 164 62.50 19.03 -9.71
C VAL D 164 62.95 18.04 -8.63
N LEU D 165 62.53 16.79 -8.78
CA LEU D 165 62.92 15.73 -7.86
C LEU D 165 64.36 15.31 -8.14
N GLN D 166 64.77 15.39 -9.40
CA GLN D 166 66.13 15.05 -9.80
C GLN D 166 67.08 16.20 -9.50
N LYS D 167 66.53 17.29 -8.97
CA LYS D 167 67.33 18.45 -8.61
C LYS D 167 67.37 18.64 -7.10
N ALA D 168 66.20 18.65 -6.48
CA ALA D 168 66.07 18.89 -5.04
C ALA D 168 66.32 17.63 -4.23
N ALA D 169 67.35 16.87 -4.60
CA ALA D 169 67.70 15.65 -3.88
C ALA D 169 68.39 15.96 -2.55
#